data_4QKA
#
_entry.id   4QKA
#
_cell.length_a   116.035
_cell.length_b   116.035
_cell.length_c   114.098
_cell.angle_alpha   90.00
_cell.angle_beta   90.00
_cell.angle_gamma   120.00
#
_symmetry.space_group_name_H-M   'P 31 2 1'
#
loop_
_entity.id
_entity.type
_entity.pdbx_description
1 polymer 'C-di-AMP riboswitch'
2 non-polymer "(2R,3R,3aS,5R,7aR,9R,10R,10aS,12R,14aR)-2,9-bis(6-amino-9H-purin-9-yl)octahydro-2H,7H-difuro[3,2-d:3',2'-j][1,3,7,9,2,8 ]tetraoxadiphosphacyclododecine-3,5,10,12-tetrol 5,12-dioxide"
3 non-polymer 'MAGNESIUM ION'
4 non-polymer 'POTASSIUM ION'
5 non-polymer 'SULFATE ION'
6 non-polymer 'IRIDIUM HEXAMMINE ION'
7 water water
#
_entity_poly.entity_id   1
_entity_poly.type   'polyribonucleotide'
_entity_poly.pdbx_seq_one_letter_code
;(GTP)GUUGCCGAAUCCGAAAGGUACGGAGGAACCGCUUUUUGGGGUUAAUCUGCAGUGAAGCUGCAGUAGGGAUACCUU
CUGUCCCGCACCCGACAGCUAACUCCGGAGGCAAUAAAGGAAGGA(23G)
;
_entity_poly.pdbx_strand_id   A
#
loop_
_chem_comp.id
_chem_comp.type
_chem_comp.name
_chem_comp.formula
23G RNA OH 3 prime terminus 'GUANOSINE-5'-PHOSPHATE-2',3'-CYCLIC PHOSPHATE' 'C10 H13 N5 O10 P2'
2BA non-polymer '(2R,3R,3aS,5R,7aR,9R,10R,10aS,12R,14aR)-2,9-bis(6-amino-9H-purin-9-yl)octahydro-2H,7H-difuro[3,2-d:3',2'-j][1,3,7,9,2,8 ]tetraoxadiphosphacyclododecine-3,5,10,12-tetrol 5,12-dioxide' 'C20 H24 N10 O12 P2'
A RNA linking ADENOSINE-5'-MONOPHOSPHATE 'C10 H14 N5 O7 P'
C RNA linking CYTIDINE-5'-MONOPHOSPHATE 'C9 H14 N3 O8 P'
G RNA linking GUANOSINE-5'-MONOPHOSPHATE 'C10 H14 N5 O8 P'
GTP non-polymer GUANOSINE-5'-TRIPHOSPHATE 'C10 H16 N5 O14 P3'
IRI non-polymer 'IRIDIUM HEXAMMINE ION' 'H18 Ir N6 3'
K non-polymer 'POTASSIUM ION' 'K 1'
MG non-polymer 'MAGNESIUM ION' 'Mg 2'
SO4 non-polymer 'SULFATE ION' 'O4 S -2'
U RNA linking URIDINE-5'-MONOPHOSPHATE 'C9 H13 N2 O9 P'
#
# COMPACT_ATOMS: atom_id res chain seq x y z
O3B GTP A 1 6.82 -8.03 -2.82
PB GTP A 1 5.93 -8.05 -4.14
O1B GTP A 1 6.83 -8.35 -5.34
O2B GTP A 1 5.21 -6.72 -4.34
O3A GTP A 1 4.79 -9.14 -4.00
PA GTP A 1 4.92 -10.57 -3.33
O1A GTP A 1 6.26 -11.23 -3.64
O2A GTP A 1 3.74 -11.37 -3.83
O5' GTP A 1 4.82 -10.43 -1.76
C5' GTP A 1 5.99 -10.61 -1.02
C4' GTP A 1 5.76 -10.32 0.31
O4' GTP A 1 5.49 -8.84 0.44
C3' GTP A 1 4.45 -11.00 0.96
O3' GTP A 1 4.70 -12.36 1.54
C2' GTP A 1 4.15 -10.25 1.87
O2' GTP A 1 4.96 -10.49 3.09
C1' GTP A 1 4.53 -8.75 1.32
N9 GTP A 1 3.41 -8.12 0.79
C8 GTP A 1 3.47 -7.80 -0.52
N7 GTP A 1 2.29 -7.20 -0.83
C5 GTP A 1 1.54 -7.16 0.29
C6 GTP A 1 0.16 -6.62 0.54
O6 GTP A 1 -0.50 -6.09 -0.36
N1 GTP A 1 -0.37 -6.74 1.83
C2 GTP A 1 0.39 -7.35 2.86
N2 GTP A 1 -0.15 -7.46 4.17
N3 GTP A 1 1.71 -7.88 2.63
C4 GTP A 1 2.24 -7.75 1.29
P 23G A 122 2.43 -18.62 -19.19
N1 23G A 122 -4.57 -17.33 -24.08
C2 23G A 122 -5.28 -17.66 -22.87
N2 23G A 122 -6.69 -17.52 -22.82
N3 23G A 122 -4.55 -18.13 -21.70
C4 23G A 122 -3.08 -18.26 -21.77
C5 23G A 122 -2.42 -17.95 -22.92
C6 23G A 122 -3.17 -17.45 -24.14
O6 23G A 122 -2.57 -17.17 -25.16
N7 23G A 122 -1.08 -18.16 -22.71
C8 23G A 122 -0.93 -18.61 -21.43
N9 23G A 122 -2.16 -18.67 -20.86
PC 23G A 122 -2.84 -22.23 -17.86
C1' 23G A 122 -2.68 -19.05 -19.57
C2' 23G A 122 -2.51 -20.55 -19.39
O2' 23G A 122 -3.52 -21.14 -18.45
C3' 23G A 122 -1.17 -20.70 -18.64
O3' 23G A 122 -1.27 -21.78 -17.91
C4' 23G A 122 -1.09 -19.60 -17.86
O4' 23G A 122 -1.94 -18.48 -18.58
C5' 23G A 122 0.36 -19.21 -17.71
O5' 23G A 122 1.01 -19.26 -18.98
OC1 23G A 122 -3.12 -23.62 -18.57
OC2 23G A 122 -3.30 -22.49 -16.47
OP1 23G A 122 2.77 -18.45 -20.66
OP2 23G A 122 3.49 -19.38 -18.46
P 2BA B . -13.98 2.21 -3.81
O1P 2BA B . -12.76 2.23 -4.70
O2P 2BA B . -15.34 2.51 -4.39
O5' 2BA B . -14.04 0.80 -3.03
C5' 2BA B . -14.89 0.68 -1.90
C4' 2BA B . -14.62 -0.60 -1.13
O4' 2BA B . -14.71 -1.71 -2.01
C3' 2BA B . -13.22 -0.65 -0.57
O3' 2BA B . -13.21 -0.32 0.82
C2' 2BA B . -12.77 -2.07 -0.75
O2' 2BA B . -12.97 -2.71 0.50
C1' 2BA B . -13.70 -2.69 -1.77
N9 2BA B . -12.98 -2.93 -3.04
C8 2BA B . -12.53 -1.98 -3.89
N7 2BA B . -11.90 -2.53 -4.96
C5 2BA B . -11.95 -3.87 -4.82
C6 2BA B . -11.50 -5.05 -5.60
N6 2BA B . -10.84 -4.93 -6.78
N1 2BA B . -11.76 -6.27 -5.09
C2 2BA B . -12.41 -6.42 -3.92
N3 2BA B . -12.86 -5.40 -3.17
C4 2BA B . -12.66 -4.12 -3.55
P1 2BA B . -12.21 0.86 1.23
O1P1 2BA B . -10.84 0.51 0.70
O2P1 2BA B . -12.37 1.25 2.68
O5'1 2BA B . -12.82 2.01 0.30
C5'1 2BA B . -12.43 3.35 0.56
C4'1 2BA B . -12.81 4.18 -0.64
O4'1 2BA B . -11.96 5.33 -0.58
C3'1 2BA B . -12.55 3.49 -1.96
O3'1 2BA B . -13.79 3.29 -2.63
C2'1 2BA B . -11.71 4.45 -2.75
O2'1 2BA B . -12.58 5.14 -3.65
C1'1 2BA B . -11.13 5.42 -1.72
N91 2BA B . -9.74 5.01 -1.38
C81 2BA B . -9.38 3.79 -0.93
N71 2BA B . -8.04 3.68 -0.72
C51 2BA B . -7.51 4.87 -1.06
C61 2BA B . -6.15 5.43 -1.07
N61 2BA B . -5.10 4.66 -0.69
N11 2BA B . -6.02 6.70 -1.48
C21 2BA B . -7.07 7.45 -1.87
N31 2BA B . -8.33 6.99 -1.88
C41 2BA B . -8.62 5.73 -1.49
P 2BA C . 9.65 8.20 15.25
O1P 2BA C . 10.18 8.26 13.84
O2P 2BA C . 10.60 8.09 16.43
O5' 2BA C . 8.68 9.47 15.45
C5' 2BA C . 7.94 9.67 16.65
C4' 2BA C . 7.05 10.89 16.49
O4' 2BA C . 7.85 12.06 16.35
C3' 2BA C . 6.26 10.84 15.21
O3' 2BA C . 4.99 10.34 15.57
C2' 2BA C . 6.14 12.28 14.77
O2' 2BA C . 4.96 12.82 15.35
C1' 2BA C . 7.31 12.98 15.42
N9 2BA C . 8.38 13.30 14.44
C8 2BA C . 9.22 12.43 13.88
N7 2BA C . 10.08 13.03 13.03
C5 2BA C . 9.79 14.33 13.04
C6 2BA C . 10.33 15.54 12.38
N6 2BA C . 11.35 15.49 11.50
N1 2BA C . 9.72 16.70 12.67
C2 2BA C . 8.70 16.78 13.53
N3 2BA C . 8.17 15.72 14.17
C4 2BA C . 8.67 14.50 13.97
P1 2BA C . 4.19 9.44 14.52
O1P1 2BA C . 4.20 10.25 13.22
O2P1 2BA C . 2.96 9.03 15.28
O5'1 2BA C . 5.18 8.20 14.36
C5'1 2BA C . 5.30 7.27 15.43
C4'1 2BA C . 6.34 6.25 15.00
O4'1 2BA C . 5.78 5.41 14.00
C3'1 2BA C . 7.57 6.88 14.38
O3'1 2BA C . 8.61 6.98 15.34
C2'1 2BA C . 7.99 5.90 13.31
O2'1 2BA C . 9.00 5.08 13.89
C1'1 2BA C . 6.77 5.05 13.04
N91 2BA C . 6.28 5.35 11.68
C81 2BA C . 5.88 6.55 11.24
N71 2BA C . 5.51 6.52 9.94
C51 2BA C . 5.68 5.26 9.52
C61 2BA C . 5.49 4.54 8.26
N61 2BA C . 5.02 5.19 7.16
N11 2BA C . 5.79 3.22 8.24
C21 2BA C . 6.26 2.58 9.33
N31 2BA C . 6.46 3.17 10.51
C41 2BA C . 6.21 4.50 10.66
MG MG D . 17.30 15.82 8.10
K K E . 5.55 -13.71 4.77
S SO4 F . 23.11 13.54 -1.96
O1 SO4 F . 22.57 14.48 -3.00
O2 SO4 F . 22.32 12.28 -2.06
O3 SO4 F . 24.57 13.25 -2.20
O4 SO4 F . 22.95 14.14 -0.59
IR IRI G . -6.94 -9.91 -24.72
N1 IRI G . -5.35 -9.07 -26.07
N2 IRI G . -6.49 -8.29 -23.21
N3 IRI G . -8.50 -10.74 -23.34
N4 IRI G . -7.40 -11.51 -26.23
N5 IRI G . -8.44 -8.52 -25.66
N6 IRI G . -5.42 -11.28 -23.80
IR IRI H . 7.66 -6.49 17.99
N1 IRI H . 8.71 -4.75 17.02
N2 IRI H . 7.37 -5.27 19.87
N3 IRI H . 6.62 -8.24 18.96
N4 IRI H . 7.97 -7.71 16.12
N5 IRI H . 5.69 -5.74 17.21
N6 IRI H . 9.64 -7.24 18.79
IR IRI I . 0.82 19.40 8.34
N1 IRI I . 1.19 21.41 9.28
N2 IRI I . -0.78 18.96 9.86
N3 IRI I . 0.47 17.39 7.39
N4 IRI I . 2.42 19.84 6.81
N5 IRI I . -0.72 20.30 6.97
N6 IRI I . 2.37 18.53 9.73
IR IRI J . 14.40 11.78 4.38
N1 IRI J . 16.24 12.41 5.53
N2 IRI J . 13.34 13.66 5.03
N3 IRI J . 12.51 11.11 3.32
N4 IRI J . 15.44 9.88 3.76
N5 IRI J . 15.16 12.83 2.54
N6 IRI J . 13.66 10.73 6.23
IR IRI K . -15.92 17.25 -0.51
N1 IRI K . -14.45 18.71 -1.41
N2 IRI K . -16.31 18.69 1.17
N3 IRI K . -17.37 15.78 0.40
N4 IRI K . -15.53 15.79 -2.18
N5 IRI K . -17.58 18.17 -1.70
N6 IRI K . -14.24 16.33 0.68
#